data_3HAS
#
_entry.id   3HAS
#
_cell.length_a   45.169
_cell.length_b   102.348
_cell.length_c   128.271
_cell.angle_alpha   90.000
_cell.angle_beta   90.000
_cell.angle_gamma   90.000
#
_symmetry.space_group_name_H-M   'C 2 2 21'
#
loop_
_entity.id
_entity.type
_entity.pdbx_description
1 polymer Bacteriorhodopsin
2 non-polymer RETINAL
3 non-polymer DODECANE
4 non-polymer N-OCTANE
5 non-polymer DECANE
6 non-polymer HEXADECANE
7 non-polymer HEPTANE
8 non-polymer 3-[(3-CHOLAMIDOPROPYL)DIMETHYLAMMONIO]-1-PROPANESULFONATE
9 water water
#
_entity_poly.entity_id   1
_entity_poly.type   'polypeptide(L)'
_entity_poly.pdbx_seq_one_letter_code
;QAQITGRPEWIWLALGTALMGLGTLYFLVKGMGVSDPDAKKFYAITTLVPAIAFTMYLSMLLGYGLTMVPFGGEQNPIYW
ARYADWLFTTPLLLLDLALLVDADQGTILALVGADGIMIGTGLVGALTKVYSYRFVWWAISTAAMLYILYVAFFGFTSKA
ESMRPEVASTFKVLRNVTVVLWSAYPVVWLIGSEGAGIVPLNIETLLFMVLDVSAKVGFGLILLRSRAIFGEAEAPEPSA
GDGAAATSD
;
_entity_poly.pdbx_strand_id   A
#
# COMPACT_ATOMS: atom_id res chain seq x y z
N GLY A 6 4.81 14.29 -22.54
CA GLY A 6 4.16 15.29 -21.64
C GLY A 6 2.72 14.92 -21.35
N ARG A 7 2.52 13.77 -20.72
CA ARG A 7 1.19 13.30 -20.31
CA ARG A 7 1.19 13.31 -20.32
C ARG A 7 0.68 14.17 -19.15
N PRO A 8 -0.61 14.59 -19.18
CA PRO A 8 -1.09 15.54 -18.15
C PRO A 8 -0.97 15.07 -16.70
N GLU A 9 -1.00 13.76 -16.51
CA GLU A 9 -0.80 13.18 -15.16
C GLU A 9 0.65 13.29 -14.66
N TRP A 10 1.58 13.76 -15.50
CA TRP A 10 3.00 13.80 -15.08
C TRP A 10 3.22 14.59 -13.79
N ILE A 11 2.45 15.66 -13.62
CA ILE A 11 2.58 16.50 -12.44
C ILE A 11 2.38 15.77 -11.13
N TRP A 12 1.44 14.81 -11.11
CA TRP A 12 1.13 14.06 -9.91
C TRP A 12 2.14 12.95 -9.70
N LEU A 13 2.66 12.41 -10.81
CA LEU A 13 3.77 11.47 -10.76
C LEU A 13 5.02 12.14 -10.20
N ALA A 14 5.28 13.38 -10.63
CA ALA A 14 6.39 14.18 -10.08
C ALA A 14 6.22 14.46 -8.60
N LEU A 15 5.02 14.85 -8.16
CA LEU A 15 4.78 15.15 -6.75
CA LEU A 15 4.79 15.15 -6.75
C LEU A 15 4.86 13.88 -5.91
N GLY A 16 4.36 12.76 -6.47
CA GLY A 16 4.43 11.45 -5.79
C GLY A 16 5.89 11.02 -5.61
N THR A 17 6.69 11.24 -6.66
CA THR A 17 8.11 10.95 -6.61
C THR A 17 8.79 11.75 -5.50
N ALA A 18 8.56 13.06 -5.46
CA ALA A 18 9.11 13.94 -4.41
C ALA A 18 8.72 13.46 -3.03
N LEU A 19 7.43 13.21 -2.83
CA LEU A 19 6.95 12.85 -1.50
C LEU A 19 7.48 11.50 -1.03
N MET A 20 7.52 10.52 -1.92
CA MET A 20 8.03 9.19 -1.55
C MET A 20 9.53 9.28 -1.28
N GLY A 21 10.23 10.06 -2.11
CA GLY A 21 11.68 10.26 -1.96
C GLY A 21 12.05 10.88 -0.62
N LEU A 22 11.39 11.97 -0.29
CA LEU A 22 11.65 12.70 0.94
C LEU A 22 11.26 11.85 2.15
N GLY A 23 10.13 11.16 2.04
CA GLY A 23 9.71 10.22 3.10
C GLY A 23 10.75 9.14 3.36
N THR A 24 11.24 8.49 2.30
CA THR A 24 12.29 7.48 2.43
C THR A 24 13.52 8.04 3.15
N LEU A 25 13.99 9.20 2.67
CA LEU A 25 15.18 9.84 3.23
CA LEU A 25 15.18 9.84 3.22
C LEU A 25 15.03 10.12 4.72
N TYR A 26 13.90 10.68 5.09
CA TYR A 26 13.64 10.99 6.50
C TYR A 26 13.62 9.70 7.36
N PHE A 27 12.94 8.68 6.87
CA PHE A 27 12.83 7.41 7.63
C PHE A 27 14.20 6.76 7.76
N LEU A 28 15.00 6.83 6.69
CA LEU A 28 16.36 6.28 6.70
C LEU A 28 17.25 6.97 7.75
N VAL A 29 17.19 8.29 7.77
CA VAL A 29 17.98 9.09 8.72
C VAL A 29 17.59 8.73 10.14
N LYS A 30 16.29 8.72 10.41
CA LYS A 30 15.83 8.37 11.75
C LYS A 30 16.18 6.92 12.13
N GLY A 31 15.99 6.02 11.17
CA GLY A 31 16.21 4.59 11.38
C GLY A 31 17.66 4.24 11.65
N MET A 32 18.57 4.87 10.92
CA MET A 32 20.00 4.65 11.08
CA MET A 32 19.97 4.59 11.12
C MET A 32 20.50 5.13 12.45
N GLY A 33 19.77 6.07 13.05
CA GLY A 33 20.14 6.65 14.36
C GLY A 33 19.72 5.78 15.55
N VAL A 34 18.73 4.92 15.35
CA VAL A 34 18.16 4.08 16.41
CA VAL A 34 18.18 4.10 16.44
C VAL A 34 19.04 2.85 16.72
N SER A 35 19.17 2.49 17.99
CA SER A 35 19.92 1.27 18.33
C SER A 35 19.09 0.05 18.80
N ASP A 36 17.90 0.31 19.34
CA ASP A 36 16.99 -0.76 19.75
C ASP A 36 16.70 -1.72 18.60
N PRO A 37 17.05 -3.01 18.77
CA PRO A 37 16.87 -3.99 17.69
C PRO A 37 15.42 -4.15 17.19
N ASP A 38 14.45 -4.18 18.10
CA ASP A 38 13.04 -4.25 17.68
C ASP A 38 12.68 -3.02 16.83
N ALA A 39 13.01 -1.82 17.30
CA ALA A 39 12.66 -0.61 16.55
C ALA A 39 13.33 -0.64 15.18
N LYS A 40 14.56 -1.17 15.13
CA LYS A 40 15.32 -1.22 13.87
C LYS A 40 14.59 -2.09 12.84
N LYS A 41 13.93 -3.16 13.28
CA LYS A 41 13.19 -4.00 12.34
CA LYS A 41 13.16 -4.02 12.38
C LYS A 41 12.00 -3.24 11.75
N PHE A 42 11.30 -2.44 12.57
CA PHE A 42 10.20 -1.63 12.04
C PHE A 42 10.73 -0.55 11.06
N TYR A 43 11.83 0.07 11.43
CA TYR A 43 12.45 1.03 10.51
C TYR A 43 12.85 0.40 9.18
N ALA A 44 13.39 -0.81 9.21
CA ALA A 44 13.88 -1.48 8.01
C ALA A 44 12.71 -1.74 7.06
N ILE A 45 11.64 -2.34 7.59
CA ILE A 45 10.45 -2.63 6.79
C ILE A 45 9.83 -1.34 6.24
N THR A 46 9.68 -0.35 7.11
CA THR A 46 8.91 0.84 6.78
C THR A 46 9.66 1.79 5.85
N THR A 47 10.98 1.76 5.89
CA THR A 47 11.79 2.61 5.03
C THR A 47 11.75 2.04 3.61
N LEU A 48 11.76 0.72 3.52
CA LEU A 48 11.71 0.03 2.22
CA LEU A 48 11.70 0.01 2.24
C LEU A 48 10.44 0.33 1.44
N VAL A 49 9.32 0.50 2.14
CA VAL A 49 8.02 0.76 1.52
C VAL A 49 8.01 2.01 0.60
N PRO A 50 8.29 3.22 1.15
CA PRO A 50 8.35 4.34 0.19
C PRO A 50 9.57 4.30 -0.74
N ALA A 51 10.60 3.54 -0.39
CA ALA A 51 11.74 3.44 -1.30
C ALA A 51 11.33 2.75 -2.61
N ILE A 52 10.58 1.66 -2.47
CA ILE A 52 10.05 0.89 -3.63
C ILE A 52 9.07 1.79 -4.41
N ALA A 53 8.16 2.46 -3.70
CA ALA A 53 7.21 3.38 -4.35
C ALA A 53 7.94 4.51 -5.10
N PHE A 54 8.97 5.08 -4.49
CA PHE A 54 9.78 6.09 -5.16
C PHE A 54 10.33 5.61 -6.52
N THR A 55 10.90 4.40 -6.56
CA THR A 55 11.47 3.90 -7.81
CA THR A 55 11.48 3.85 -7.79
C THR A 55 10.39 3.70 -8.87
N MET A 56 9.19 3.28 -8.45
CA MET A 56 8.13 3.03 -9.43
C MET A 56 7.52 4.32 -9.92
N TYR A 57 7.32 5.29 -9.01
CA TYR A 57 6.80 6.63 -9.41
C TYR A 57 7.79 7.31 -10.34
N LEU A 58 9.07 7.17 -10.02
CA LEU A 58 10.13 7.75 -10.86
C LEU A 58 10.15 7.14 -12.26
N SER A 59 10.07 5.80 -12.31
CA SER A 59 9.97 5.06 -13.58
C SER A 59 8.77 5.55 -14.42
N MET A 60 7.62 5.69 -13.77
CA MET A 60 6.41 6.17 -14.47
C MET A 60 6.57 7.61 -14.92
N LEU A 61 7.14 8.45 -14.05
CA LEU A 61 7.43 9.85 -14.42
C LEU A 61 8.23 9.91 -15.73
N LEU A 62 9.23 9.04 -15.84
CA LEU A 62 10.12 8.98 -17.01
C LEU A 62 9.54 8.20 -18.20
N GLY A 63 8.28 7.79 -18.10
CA GLY A 63 7.58 7.20 -19.24
C GLY A 63 7.61 5.69 -19.34
N TYR A 64 8.06 5.02 -18.27
CA TYR A 64 8.06 3.56 -18.23
C TYR A 64 6.86 3.00 -17.46
N GLY A 65 6.64 1.69 -17.53
CA GLY A 65 5.52 1.06 -16.82
C GLY A 65 4.16 1.45 -17.34
N LEU A 66 4.09 1.87 -18.60
CA LEU A 66 2.83 2.24 -19.21
C LEU A 66 2.66 1.42 -20.47
N THR A 67 1.45 0.90 -20.67
CA THR A 67 1.18 0.13 -21.88
C THR A 67 -0.22 0.47 -22.37
N MET A 68 -0.51 0.18 -23.64
CA MET A 68 -1.86 0.41 -24.18
C MET A 68 -2.59 -0.93 -24.23
N VAL A 69 -3.83 -0.96 -23.71
CA VAL A 69 -4.63 -2.17 -23.70
C VAL A 69 -5.90 -1.90 -24.49
N PRO A 70 -6.15 -2.68 -25.56
CA PRO A 70 -7.42 -2.50 -26.29
C PRO A 70 -8.60 -3.10 -25.53
N PHE A 71 -9.61 -2.28 -25.24
CA PHE A 71 -10.89 -2.80 -24.73
C PHE A 71 -11.97 -1.76 -24.92
N GLY A 72 -13.21 -2.22 -25.09
CA GLY A 72 -14.35 -1.34 -25.30
C GLY A 72 -14.24 -0.54 -26.59
N GLY A 73 -13.45 -1.05 -27.54
CA GLY A 73 -13.33 -0.47 -28.88
C GLY A 73 -12.25 0.59 -29.02
N GLU A 74 -11.41 0.73 -27.99
CA GLU A 74 -10.40 1.77 -27.94
C GLU A 74 -9.09 1.23 -27.42
N GLN A 75 -8.03 2.00 -27.65
CA GLN A 75 -6.71 1.80 -27.09
C GLN A 75 -6.63 2.61 -25.79
N ASN A 76 -6.49 1.91 -24.66
CA ASN A 76 -6.51 2.53 -23.34
C ASN A 76 -5.16 2.49 -22.60
N PRO A 77 -4.70 3.64 -22.11
CA PRO A 77 -3.41 3.67 -21.41
C PRO A 77 -3.56 3.08 -20.01
N ILE A 78 -2.65 2.16 -19.66
CA ILE A 78 -2.65 1.46 -18.38
C ILE A 78 -1.25 1.50 -17.74
N TYR A 79 -1.16 2.06 -16.53
CA TYR A 79 0.12 2.06 -15.82
C TYR A 79 0.28 0.75 -15.06
N TRP A 80 1.02 -0.20 -15.61
CA TRP A 80 1.22 -1.49 -14.94
C TRP A 80 2.29 -1.44 -13.85
N ALA A 81 3.13 -0.40 -13.89
CA ALA A 81 4.19 -0.23 -12.88
C ALA A 81 3.64 -0.10 -11.45
N ARG A 82 2.42 0.40 -11.32
CA ARG A 82 1.76 0.47 -10.01
C ARG A 82 1.71 -0.92 -9.35
N TYR A 83 1.49 -1.97 -10.16
CA TYR A 83 1.30 -3.30 -9.56
C TYR A 83 2.64 -3.84 -9.09
N ALA A 84 3.71 -3.46 -9.76
CA ALA A 84 5.05 -3.83 -9.33
C ALA A 84 5.39 -3.22 -7.96
N ASP A 85 4.99 -1.98 -7.74
CA ASP A 85 5.12 -1.28 -6.45
C ASP A 85 4.29 -2.05 -5.43
N TRP A 86 2.99 -2.17 -5.70
CA TRP A 86 2.05 -2.74 -4.74
C TRP A 86 2.32 -4.21 -4.40
N LEU A 87 2.86 -4.98 -5.34
CA LEU A 87 3.17 -6.39 -5.08
C LEU A 87 4.07 -6.54 -3.86
N PHE A 88 5.03 -5.63 -3.72
CA PHE A 88 5.98 -5.66 -2.61
C PHE A 88 5.58 -4.79 -1.42
N THR A 89 5.00 -3.62 -1.66
CA THR A 89 4.77 -2.69 -0.54
C THR A 89 3.57 -3.09 0.30
N THR A 90 2.51 -3.61 -0.34
CA THR A 90 1.34 -4.02 0.44
C THR A 90 1.63 -5.15 1.47
N PRO A 91 2.35 -6.22 1.08
CA PRO A 91 2.67 -7.19 2.15
C PRO A 91 3.63 -6.66 3.25
N LEU A 92 4.49 -5.70 2.88
CA LEU A 92 5.39 -5.05 3.86
C LEU A 92 4.59 -4.26 4.88
N LEU A 93 3.58 -3.52 4.42
CA LEU A 93 2.69 -2.85 5.34
C LEU A 93 1.95 -3.79 6.28
N LEU A 94 1.41 -4.87 5.72
CA LEU A 94 0.76 -5.89 6.55
C LEU A 94 1.71 -6.52 7.56
N LEU A 95 2.96 -6.76 7.16
CA LEU A 95 3.97 -7.26 8.08
C LEU A 95 4.19 -6.30 9.27
N ASP A 96 4.25 -5.00 9.00
CA ASP A 96 4.34 -3.99 10.08
C ASP A 96 3.21 -4.20 11.07
N LEU A 97 1.98 -4.36 10.57
CA LEU A 97 0.85 -4.57 11.48
C LEU A 97 0.96 -5.87 12.25
N ALA A 98 1.31 -6.95 11.54
CA ALA A 98 1.43 -8.26 12.15
C ALA A 98 2.48 -8.29 13.25
N LEU A 99 3.57 -7.56 13.02
CA LEU A 99 4.65 -7.51 14.00
C LEU A 99 4.23 -6.76 15.25
N LEU A 100 3.47 -5.68 15.08
CA LEU A 100 2.99 -4.90 16.20
CA LEU A 100 2.97 -4.90 16.20
C LEU A 100 2.13 -5.73 17.16
N VAL A 101 1.33 -6.65 16.61
CA VAL A 101 0.40 -7.42 17.43
C VAL A 101 0.84 -8.87 17.70
N ASP A 102 2.07 -9.19 17.31
CA ASP A 102 2.58 -10.55 17.50
CA ASP A 102 2.62 -10.55 17.46
C ASP A 102 1.65 -11.57 16.84
N ALA A 103 1.24 -11.32 15.61
CA ALA A 103 0.34 -12.26 14.89
C ALA A 103 1.05 -13.61 14.63
N ASP A 104 0.25 -14.67 14.46
CA ASP A 104 0.78 -16.04 14.23
C ASP A 104 1.41 -16.12 12.85
N GLN A 105 2.43 -16.95 12.74
CA GLN A 105 3.14 -17.14 11.48
C GLN A 105 2.20 -17.57 10.35
N GLY A 106 1.27 -18.48 10.64
CA GLY A 106 0.29 -18.97 9.67
C GLY A 106 -0.67 -17.88 9.18
N THR A 107 -0.98 -16.92 10.05
CA THR A 107 -1.79 -15.75 9.67
C THR A 107 -1.03 -14.87 8.69
N ILE A 108 0.27 -14.67 8.96
CA ILE A 108 1.07 -13.82 8.08
C ILE A 108 1.17 -14.50 6.71
N LEU A 109 1.39 -15.82 6.70
CA LEU A 109 1.48 -16.52 5.43
C LEU A 109 0.18 -16.40 4.63
N ALA A 110 -0.95 -16.57 5.30
CA ALA A 110 -2.23 -16.48 4.65
C ALA A 110 -2.50 -15.09 4.06
N LEU A 111 -2.17 -14.06 4.84
CA LEU A 111 -2.34 -12.67 4.40
C LEU A 111 -1.44 -12.34 3.22
N VAL A 112 -0.20 -12.83 3.27
CA VAL A 112 0.74 -12.53 2.19
C VAL A 112 0.27 -13.24 0.91
N GLY A 113 -0.20 -14.48 1.04
CA GLY A 113 -0.82 -15.21 -0.09
C GLY A 113 -2.03 -14.49 -0.68
N ALA A 114 -2.95 -14.05 0.18
CA ALA A 114 -4.11 -13.29 -0.26
C ALA A 114 -3.69 -12.00 -0.94
N ASP A 115 -2.67 -11.34 -0.39
CA ASP A 115 -2.16 -10.10 -0.95
C ASP A 115 -1.61 -10.29 -2.37
N GLY A 116 -0.81 -11.35 -2.56
CA GLY A 116 -0.33 -11.71 -3.89
C GLY A 116 -1.49 -11.98 -4.87
N ILE A 117 -2.50 -12.70 -4.41
CA ILE A 117 -3.70 -12.89 -5.23
C ILE A 117 -4.36 -11.55 -5.58
N MET A 118 -4.48 -10.66 -4.60
CA MET A 118 -5.11 -9.35 -4.83
C MET A 118 -4.39 -8.56 -5.90
N ILE A 119 -3.06 -8.45 -5.76
CA ILE A 119 -2.28 -7.67 -6.72
C ILE A 119 -2.23 -8.33 -8.09
N GLY A 120 -1.97 -9.64 -8.12
CA GLY A 120 -1.86 -10.44 -9.36
C GLY A 120 -3.14 -10.43 -10.18
N THR A 121 -4.28 -10.66 -9.52
CA THR A 121 -5.55 -10.63 -10.27
C THR A 121 -5.91 -9.19 -10.66
N GLY A 122 -5.55 -8.21 -9.84
CA GLY A 122 -5.75 -6.80 -10.23
C GLY A 122 -5.00 -6.51 -11.52
N LEU A 123 -3.76 -6.97 -11.60
CA LEU A 123 -2.94 -6.74 -12.79
C LEU A 123 -3.47 -7.46 -14.03
N VAL A 124 -3.89 -8.71 -13.85
CA VAL A 124 -4.50 -9.49 -14.94
C VAL A 124 -5.75 -8.74 -15.43
N GLY A 125 -6.58 -8.32 -14.49
CA GLY A 125 -7.72 -7.42 -14.77
C GLY A 125 -7.35 -6.21 -15.62
N ALA A 126 -6.33 -5.50 -15.17
CA ALA A 126 -5.87 -4.28 -15.83
C ALA A 126 -5.42 -4.55 -17.27
N LEU A 127 -4.98 -5.78 -17.56
CA LEU A 127 -4.41 -6.14 -18.89
C LEU A 127 -5.38 -6.89 -19.81
N THR A 128 -6.59 -7.15 -19.32
CA THR A 128 -7.52 -8.05 -19.99
C THR A 128 -8.23 -7.30 -21.14
N LYS A 129 -8.37 -7.96 -22.30
CA LYS A 129 -8.81 -7.27 -23.53
C LYS A 129 -10.33 -7.36 -23.75
N VAL A 130 -10.99 -8.23 -23.00
CA VAL A 130 -12.45 -8.39 -23.08
C VAL A 130 -13.03 -7.58 -21.94
N TYR A 131 -13.79 -6.54 -22.27
CA TYR A 131 -14.19 -5.51 -21.27
C TYR A 131 -14.86 -6.13 -20.05
N SER A 132 -15.85 -6.99 -20.28
CA SER A 132 -16.59 -7.61 -19.17
CA SER A 132 -16.57 -7.59 -19.16
C SER A 132 -15.68 -8.42 -18.24
N TYR A 133 -14.71 -9.14 -18.82
CA TYR A 133 -13.81 -9.99 -18.03
C TYR A 133 -12.85 -9.19 -17.15
N ARG A 134 -12.54 -7.97 -17.56
CA ARG A 134 -11.76 -7.07 -16.70
C ARG A 134 -12.41 -7.02 -15.31
N PHE A 135 -13.73 -6.94 -15.29
CA PHE A 135 -14.44 -6.83 -14.00
C PHE A 135 -14.53 -8.12 -13.19
N VAL A 136 -14.45 -9.27 -13.85
CA VAL A 136 -14.36 -10.55 -13.11
C VAL A 136 -13.06 -10.56 -12.30
N TRP A 137 -11.94 -10.18 -12.92
CA TRP A 137 -10.67 -10.17 -12.19
C TRP A 137 -10.68 -9.11 -11.09
N TRP A 138 -11.28 -7.96 -11.37
CA TRP A 138 -11.46 -6.90 -10.35
C TRP A 138 -12.23 -7.46 -9.15
N ALA A 139 -13.29 -8.22 -9.41
CA ALA A 139 -14.12 -8.77 -8.32
C ALA A 139 -13.32 -9.77 -7.47
N ILE A 140 -12.54 -10.62 -8.12
CA ILE A 140 -11.70 -11.57 -7.41
C ILE A 140 -10.65 -10.83 -6.58
N SER A 141 -10.02 -9.81 -7.16
CA SER A 141 -9.03 -9.03 -6.42
C SER A 141 -9.68 -8.34 -5.17
N THR A 142 -10.87 -7.80 -5.36
CA THR A 142 -11.58 -7.12 -4.28
CA THR A 142 -11.51 -7.11 -4.24
C THR A 142 -11.94 -8.11 -3.15
N ALA A 143 -12.36 -9.31 -3.54
CA ALA A 143 -12.65 -10.39 -2.55
C ALA A 143 -11.39 -10.70 -1.73
N ALA A 144 -10.22 -10.77 -2.39
CA ALA A 144 -8.96 -11.03 -1.69
C ALA A 144 -8.68 -9.89 -0.72
N MET A 145 -8.87 -8.65 -1.19
CA MET A 145 -8.69 -7.47 -0.32
CA MET A 145 -8.69 -7.48 -0.34
C MET A 145 -9.58 -7.54 0.90
N LEU A 146 -10.86 -7.89 0.70
CA LEU A 146 -11.77 -7.92 1.84
C LEU A 146 -11.40 -8.97 2.86
N TYR A 147 -10.82 -10.07 2.39
CA TYR A 147 -10.36 -11.12 3.31
C TYR A 147 -9.26 -10.50 4.17
N ILE A 148 -8.34 -9.77 3.53
CA ILE A 148 -7.25 -9.11 4.24
C ILE A 148 -7.77 -8.13 5.27
N LEU A 149 -8.71 -7.28 4.88
CA LEU A 149 -9.20 -6.26 5.81
C LEU A 149 -9.93 -6.91 6.97
N TYR A 150 -10.64 -7.99 6.68
CA TYR A 150 -11.40 -8.73 7.71
C TYR A 150 -10.42 -9.23 8.78
N VAL A 151 -9.37 -9.88 8.33
CA VAL A 151 -8.36 -10.42 9.24
C VAL A 151 -7.63 -9.28 9.96
N ALA A 152 -7.25 -8.22 9.26
CA ALA A 152 -6.57 -7.10 9.92
C ALA A 152 -7.48 -6.41 10.92
N PHE A 153 -8.78 -6.41 10.63
CA PHE A 153 -9.74 -5.74 11.50
C PHE A 153 -10.15 -6.62 12.68
N PHE A 154 -10.64 -7.82 12.41
CA PHE A 154 -11.04 -8.71 13.49
C PHE A 154 -9.89 -9.50 14.14
N GLY A 155 -9.10 -10.19 13.32
CA GLY A 155 -8.03 -11.04 13.85
C GLY A 155 -6.93 -10.25 14.54
N PHE A 156 -6.43 -9.22 13.89
CA PHE A 156 -5.30 -8.47 14.45
C PHE A 156 -5.72 -7.67 15.67
N THR A 157 -6.93 -7.11 15.66
CA THR A 157 -7.39 -6.43 16.88
C THR A 157 -7.49 -7.39 18.07
N SER A 158 -7.98 -8.60 17.83
CA SER A 158 -8.00 -9.62 18.87
CA SER A 158 -8.00 -9.62 18.87
C SER A 158 -6.61 -9.85 19.47
N LYS A 159 -5.61 -10.01 18.60
CA LYS A 159 -4.22 -10.16 19.02
C LYS A 159 -3.73 -8.91 19.79
N ALA A 160 -4.10 -7.72 19.29
CA ALA A 160 -3.67 -6.46 19.91
C ALA A 160 -4.17 -6.35 21.36
N GLU A 161 -5.28 -7.02 21.67
CA GLU A 161 -5.84 -6.94 23.01
CA GLU A 161 -5.87 -6.99 23.01
C GLU A 161 -4.96 -7.55 24.09
N SER A 162 -3.98 -8.36 23.69
CA SER A 162 -3.02 -8.96 24.61
CA SER A 162 -3.03 -8.96 24.63
C SER A 162 -1.76 -8.13 24.78
N MET A 163 -1.65 -7.04 24.02
CA MET A 163 -0.48 -6.15 24.04
C MET A 163 -0.65 -5.03 25.08
N ARG A 164 0.43 -4.33 25.43
CA ARG A 164 0.25 -3.16 26.31
C ARG A 164 -0.59 -2.10 25.55
N PRO A 165 -1.42 -1.33 26.29
CA PRO A 165 -2.34 -0.36 25.71
C PRO A 165 -1.70 0.59 24.71
N GLU A 166 -0.45 0.99 24.95
CA GLU A 166 0.16 1.94 24.01
CA GLU A 166 0.26 1.91 24.04
C GLU A 166 0.45 1.28 22.65
N VAL A 167 0.81 0.00 22.65
CA VAL A 167 1.00 -0.78 21.42
C VAL A 167 -0.36 -0.99 20.76
N ALA A 168 -1.34 -1.40 21.54
CA ALA A 168 -2.69 -1.57 21.02
C ALA A 168 -3.24 -0.28 20.39
N SER A 169 -3.03 0.86 21.06
CA SER A 169 -3.49 2.17 20.56
CA SER A 169 -3.53 2.13 20.53
C SER A 169 -2.85 2.52 19.22
N THR A 170 -1.54 2.33 19.12
CA THR A 170 -0.83 2.66 17.89
C THR A 170 -1.32 1.72 16.80
N PHE A 171 -1.49 0.44 17.15
CA PHE A 171 -2.03 -0.52 16.16
C PHE A 171 -3.40 -0.05 15.64
N LYS A 172 -4.27 0.37 16.53
CA LYS A 172 -5.63 0.71 16.10
C LYS A 172 -5.65 1.88 15.14
N VAL A 173 -4.80 2.88 15.38
CA VAL A 173 -4.69 4.03 14.47
C VAL A 173 -4.23 3.54 13.08
N LEU A 174 -3.16 2.75 13.05
CA LEU A 174 -2.66 2.19 11.79
C LEU A 174 -3.68 1.27 11.11
N ARG A 175 -4.37 0.46 11.90
CA ARG A 175 -5.42 -0.43 11.35
C ARG A 175 -6.49 0.43 10.64
N ASN A 176 -6.90 1.50 11.32
CA ASN A 176 -7.97 2.37 10.81
C ASN A 176 -7.57 3.08 9.53
N VAL A 177 -6.33 3.54 9.50
CA VAL A 177 -5.76 4.19 8.30
C VAL A 177 -5.75 3.19 7.14
N THR A 178 -5.34 1.96 7.43
CA THR A 178 -5.24 0.88 6.44
C THR A 178 -6.64 0.56 5.89
N VAL A 179 -7.61 0.35 6.77
CA VAL A 179 -8.97 0.03 6.29
C VAL A 179 -9.51 1.16 5.38
N VAL A 180 -9.45 2.40 5.85
CA VAL A 180 -9.99 3.54 5.08
C VAL A 180 -9.27 3.70 3.74
N LEU A 181 -7.93 3.70 3.74
CA LEU A 181 -7.22 3.91 2.47
C LEU A 181 -7.35 2.73 1.52
N TRP A 182 -7.15 1.51 2.02
CA TRP A 182 -7.14 0.34 1.13
C TRP A 182 -8.52 0.13 0.48
N SER A 183 -9.58 0.45 1.21
CA SER A 183 -10.94 0.19 0.68
C SER A 183 -11.27 1.17 -0.47
N ALA A 184 -10.51 2.26 -0.58
CA ALA A 184 -10.73 3.22 -1.69
C ALA A 184 -10.16 2.71 -3.02
N TYR A 185 -9.07 1.94 -2.96
CA TYR A 185 -8.40 1.53 -4.21
C TYR A 185 -9.31 0.82 -5.21
N PRO A 186 -10.12 -0.18 -4.78
CA PRO A 186 -11.00 -0.86 -5.78
C PRO A 186 -11.99 0.09 -6.43
N VAL A 187 -12.42 1.10 -5.67
CA VAL A 187 -13.38 2.06 -6.22
C VAL A 187 -12.69 2.95 -7.24
N VAL A 188 -11.49 3.44 -6.94
CA VAL A 188 -10.76 4.25 -7.93
C VAL A 188 -10.52 3.42 -9.22
N TRP A 189 -10.17 2.15 -9.08
CA TRP A 189 -9.93 1.29 -10.26
C TRP A 189 -11.22 1.14 -11.09
N LEU A 190 -12.34 0.87 -10.40
CA LEU A 190 -13.62 0.66 -11.05
C LEU A 190 -14.07 1.86 -11.88
N ILE A 191 -13.86 3.07 -11.36
CA ILE A 191 -14.39 4.28 -12.00
C ILE A 191 -13.39 4.96 -12.89
N GLY A 192 -12.12 4.54 -12.80
CA GLY A 192 -11.05 5.17 -13.53
C GLY A 192 -10.69 4.49 -14.84
N SER A 193 -9.45 4.76 -15.25
CA SER A 193 -8.91 4.35 -16.55
CA SER A 193 -8.93 4.33 -16.57
C SER A 193 -8.95 2.84 -16.79
N GLU A 194 -8.80 2.05 -15.72
CA GLU A 194 -8.75 0.60 -15.83
C GLU A 194 -10.14 0.02 -15.94
N GLY A 195 -11.14 0.78 -15.50
CA GLY A 195 -12.49 0.25 -15.41
C GLY A 195 -13.45 0.99 -16.29
N ALA A 196 -14.35 1.74 -15.67
CA ALA A 196 -15.45 2.38 -16.39
C ALA A 196 -14.99 3.55 -17.27
N GLY A 197 -13.79 4.10 -17.01
CA GLY A 197 -13.27 5.23 -17.78
C GLY A 197 -13.99 6.56 -17.55
N ILE A 198 -14.61 6.69 -16.38
CA ILE A 198 -15.33 7.89 -16.02
C ILE A 198 -14.37 8.99 -15.55
N VAL A 199 -13.48 8.62 -14.63
CA VAL A 199 -12.53 9.57 -14.07
C VAL A 199 -11.30 9.52 -14.99
N PRO A 200 -10.92 10.67 -15.55
CA PRO A 200 -9.78 10.71 -16.46
C PRO A 200 -8.47 10.33 -15.76
N LEU A 201 -7.52 9.87 -16.55
CA LEU A 201 -6.25 9.38 -16.06
C LEU A 201 -5.49 10.42 -15.21
N ASN A 202 -5.52 11.69 -15.60
CA ASN A 202 -4.88 12.70 -14.75
C ASN A 202 -5.45 12.76 -13.32
N ILE A 203 -6.77 12.75 -13.19
CA ILE A 203 -7.39 12.80 -11.86
C ILE A 203 -7.19 11.47 -11.12
N GLU A 204 -7.30 10.36 -11.83
CA GLU A 204 -7.05 9.05 -11.22
C GLU A 204 -5.64 8.98 -10.63
N THR A 205 -4.67 9.52 -11.36
CA THR A 205 -3.27 9.53 -10.91
C THR A 205 -3.13 10.36 -9.64
N LEU A 206 -3.77 11.53 -9.62
CA LEU A 206 -3.91 12.33 -8.39
C LEU A 206 -4.46 11.51 -7.23
N LEU A 207 -5.58 10.83 -7.46
CA LEU A 207 -6.19 10.01 -6.39
C LEU A 207 -5.27 8.93 -5.87
N PHE A 208 -4.69 8.13 -6.78
CA PHE A 208 -3.74 7.10 -6.35
C PHE A 208 -2.51 7.72 -5.65
N MET A 209 -2.07 8.91 -6.06
CA MET A 209 -0.92 9.55 -5.40
CA MET A 209 -0.92 9.59 -5.40
C MET A 209 -1.26 9.93 -3.95
N VAL A 210 -2.42 10.52 -3.72
CA VAL A 210 -2.86 10.88 -2.38
C VAL A 210 -2.99 9.62 -1.51
N LEU A 211 -3.64 8.61 -2.06
CA LEU A 211 -3.78 7.30 -1.34
C LEU A 211 -2.41 6.68 -1.03
N ASP A 212 -1.56 6.60 -2.04
CA ASP A 212 -0.25 5.96 -1.89
C ASP A 212 0.60 6.69 -0.83
N VAL A 213 0.73 8.01 -0.99
CA VAL A 213 1.51 8.79 -0.01
C VAL A 213 0.97 8.63 1.43
N SER A 214 -0.35 8.73 1.60
CA SER A 214 -0.97 8.55 2.91
C SER A 214 -0.73 7.14 3.50
N ALA A 215 -0.81 6.12 2.62
CA ALA A 215 -0.76 4.69 3.04
C ALA A 215 0.66 4.23 3.35
N LYS A 216 1.64 4.99 2.84
CA LYS A 216 3.05 4.65 2.98
C LYS A 216 3.79 5.64 3.88
N VAL A 217 3.82 6.92 3.47
CA VAL A 217 4.49 7.93 4.29
C VAL A 217 3.66 8.32 5.50
N GLY A 218 2.35 8.46 5.33
CA GLY A 218 1.49 8.79 6.48
C GLY A 218 1.53 7.69 7.52
N PHE A 219 1.28 6.47 7.06
CA PHE A 219 1.38 5.26 7.89
C PHE A 219 2.73 5.20 8.60
N GLY A 220 3.80 5.40 7.84
CA GLY A 220 5.16 5.36 8.38
C GLY A 220 5.42 6.40 9.45
N LEU A 221 4.95 7.62 9.24
CA LEU A 221 5.09 8.70 10.25
C LEU A 221 4.43 8.32 11.56
N ILE A 222 3.22 7.80 11.48
CA ILE A 222 2.48 7.35 12.65
C ILE A 222 3.22 6.24 13.39
N LEU A 223 3.64 5.22 12.66
CA LEU A 223 4.29 4.07 13.28
C LEU A 223 5.64 4.49 13.85
N LEU A 224 6.44 5.19 13.06
CA LEU A 224 7.84 5.39 13.45
C LEU A 224 8.05 6.45 14.53
N ARG A 225 7.01 7.24 14.80
CA ARG A 225 7.06 8.21 15.89
CA ARG A 225 6.99 8.24 15.88
C ARG A 225 6.52 7.65 17.22
N SER A 226 6.01 6.41 17.18
CA SER A 226 5.41 5.81 18.36
CA SER A 226 5.42 5.81 18.37
C SER A 226 6.45 5.11 19.23
N ARG A 227 6.17 5.04 20.54
CA ARG A 227 6.98 4.26 21.46
CA ARG A 227 7.00 4.25 21.45
C ARG A 227 6.72 2.77 21.25
N ALA A 228 5.65 2.45 20.52
CA ALA A 228 5.21 1.06 20.32
C ALA A 228 6.22 0.16 19.61
N ILE A 229 7.11 0.74 18.82
CA ILE A 229 8.08 -0.05 18.06
C ILE A 229 9.30 -0.48 18.89
N PHE A 230 9.45 0.08 20.08
CA PHE A 230 10.61 -0.23 20.94
C PHE A 230 10.46 -1.48 21.80
N GLY A 231 11.56 -2.23 21.95
CA GLY A 231 11.53 -3.50 22.67
C GLY A 231 12.01 -3.33 24.09
#